data_5H9S
#
_entry.id   5H9S
#
_cell.length_a   53.873
_cell.length_b   64.475
_cell.length_c   73.046
_cell.angle_alpha   90.00
_cell.angle_beta   90.00
_cell.angle_gamma   90.00
#
_symmetry.space_group_name_H-M   'P 21 21 21'
#
loop_
_entity.id
_entity.type
_entity.pdbx_description
1 polymer Galectin-7
2 non-polymer (2~{S},3~{R},4~{S},5~{R},6~{R})-2-[(2~{S},3~{R},4~{S},5~{R},6~{R})-4-[4-(3-fluorophenyl)-1,2,3-triazol-1-yl]-6-(hydroxymethyl)-3,5-bis(oxidanyl)oxan-2-yl]sulfanyl-6-(hydroxymethyl)oxane-3,4,5-triol
3 water water
#
_entity_poly.entity_id   1
_entity_poly.type   'polypeptide(L)'
_entity_poly.pdbx_seq_one_letter_code
;GSSHHHHHHSSGLVPRGSHMSNVPHKSSLPEGIRPGTVLRIRGLVPPNASRFHVNLLCGEEQGSDAALHFNPRLDTSEVV
FNSKEQGSWGREERGPGVPFQRGQPFEVLIIASDDGFKAVVGDAQYHHFRHRLPLARVRLVEVGGDVQLDSVRIF
;
_entity_poly.pdbx_strand_id   A,B
#
# COMPACT_ATOMS: atom_id res chain seq x y z
N SER A 21 19.06 -21.70 -5.64
CA SER A 21 17.80 -21.45 -6.32
C SER A 21 16.98 -20.34 -5.66
N ASN A 22 17.63 -19.55 -4.80
CA ASN A 22 16.99 -18.35 -4.27
C ASN A 22 16.62 -17.45 -5.42
N VAL A 23 15.50 -16.74 -5.28
CA VAL A 23 15.02 -15.88 -6.34
C VAL A 23 15.00 -14.46 -5.81
N PRO A 24 15.94 -13.62 -6.29
CA PRO A 24 16.06 -12.22 -5.86
C PRO A 24 15.31 -11.24 -6.76
N HIS A 25 15.57 -9.95 -6.56
CA HIS A 25 14.87 -8.92 -7.29
C HIS A 25 15.63 -7.60 -7.27
N LYS A 26 15.72 -6.95 -8.43
CA LYS A 26 16.21 -5.58 -8.51
C LYS A 26 15.30 -4.80 -9.44
N SER A 27 14.81 -3.66 -8.97
CA SER A 27 13.96 -2.77 -9.77
C SER A 27 14.42 -1.35 -9.63
N SER A 28 14.50 -0.62 -10.74
CA SER A 28 14.85 0.79 -10.66
C SER A 28 13.62 1.63 -10.39
N LEU A 29 13.84 2.78 -9.76
CA LEU A 29 12.80 3.75 -9.46
C LEU A 29 13.31 5.11 -9.92
N PRO A 30 13.27 5.35 -11.24
CA PRO A 30 13.89 6.52 -11.89
C PRO A 30 13.31 7.83 -11.39
N GLU A 31 12.01 7.84 -11.10
CA GLU A 31 11.34 9.03 -10.59
C GLU A 31 11.38 9.07 -9.06
N GLY A 32 12.05 8.09 -8.47
CA GLY A 32 12.14 7.99 -7.02
C GLY A 32 10.82 7.56 -6.42
N ILE A 33 10.71 7.65 -5.10
CA ILE A 33 9.45 7.32 -4.46
C ILE A 33 8.97 8.49 -3.62
N ARG A 34 7.66 8.64 -3.53
CA ARG A 34 7.05 9.78 -2.88
C ARG A 34 6.25 9.28 -1.69
N PRO A 35 5.98 10.17 -0.70
CA PRO A 35 5.03 9.79 0.34
C PRO A 35 3.78 9.20 -0.28
N GLY A 36 3.36 8.05 0.20
CA GLY A 36 2.23 7.34 -0.34
C GLY A 36 2.65 6.32 -1.39
N THR A 37 3.78 5.67 -1.17
CA THR A 37 4.21 4.61 -2.08
C THR A 37 4.22 3.30 -1.30
N VAL A 38 3.73 2.26 -1.93
CA VAL A 38 3.62 0.94 -1.29
C VAL A 38 4.50 -0.06 -2.01
N LEU A 39 5.42 -0.68 -1.28
CA LEU A 39 6.16 -1.81 -1.80
C LEU A 39 5.55 -3.08 -1.24
N ARG A 40 4.97 -3.93 -2.09
CA ARG A 40 4.41 -5.18 -1.61
C ARG A 40 5.32 -6.34 -2.02
N ILE A 41 5.83 -7.06 -1.03
CA ILE A 41 6.74 -8.17 -1.25
C ILE A 41 6.13 -9.46 -0.75
N ARG A 42 5.93 -10.41 -1.67
CA ARG A 42 5.40 -11.73 -1.33
C ARG A 42 6.43 -12.80 -1.65
N GLY A 43 6.58 -13.78 -0.77
CA GLY A 43 7.55 -14.82 -1.02
C GLY A 43 7.51 -15.95 -0.01
N LEU A 44 8.47 -16.84 -0.19
CA LEU A 44 8.66 -17.99 0.69
C LEU A 44 10.00 -17.87 1.39
N VAL A 45 9.99 -18.08 2.70
CA VAL A 45 11.25 -18.27 3.44
C VAL A 45 11.58 -19.75 3.35
N PRO A 46 12.69 -20.10 2.67
CA PRO A 46 12.91 -21.53 2.44
C PRO A 46 13.39 -22.26 3.71
N PRO A 47 13.32 -23.60 3.71
CA PRO A 47 13.57 -24.36 4.94
C PRO A 47 14.91 -24.07 5.58
N ASN A 48 15.95 -23.84 4.79
CA ASN A 48 17.28 -23.68 5.39
C ASN A 48 17.65 -22.22 5.67
N ALA A 49 16.69 -21.30 5.54
CA ALA A 49 17.01 -19.87 5.48
C ALA A 49 17.77 -19.33 6.71
N SER A 50 18.79 -18.53 6.45
CA SER A 50 19.46 -17.78 7.52
C SER A 50 18.85 -16.40 7.65
N ARG A 51 18.79 -15.66 6.54
CA ARG A 51 18.30 -14.29 6.60
C ARG A 51 18.05 -13.79 5.19
N PHE A 52 17.23 -12.76 5.05
CA PHE A 52 17.07 -12.12 3.74
C PHE A 52 16.91 -10.63 3.95
N HIS A 53 16.90 -9.86 2.87
CA HIS A 53 16.87 -8.42 3.02
C HIS A 53 16.08 -7.73 1.94
N VAL A 54 15.50 -6.61 2.31
CA VAL A 54 14.87 -5.66 1.38
C VAL A 54 15.60 -4.33 1.60
N ASN A 55 16.21 -3.81 0.53
CA ASN A 55 16.96 -2.55 0.59
C ASN A 55 16.33 -1.50 -0.33
N LEU A 56 16.17 -0.28 0.18
CA LEU A 56 15.84 0.86 -0.68
C LEU A 56 17.13 1.66 -0.82
N LEU A 57 17.76 1.58 -1.99
CA LEU A 57 19.10 2.13 -2.23
C LEU A 57 19.07 3.44 -3.02
N CYS A 58 20.14 4.22 -2.89
CA CYS A 58 20.22 5.55 -3.52
C CYS A 58 20.90 5.51 -4.88
N GLY A 59 21.49 4.38 -5.20
CA GLY A 59 22.17 4.23 -6.47
C GLY A 59 22.40 2.77 -6.79
N GLU A 60 22.90 2.51 -7.99
CA GLU A 60 23.15 1.15 -8.43
C GLU A 60 24.57 0.67 -8.10
N GLU A 61 25.41 1.58 -7.59
CA GLU A 61 26.79 1.21 -7.25
C GLU A 61 26.84 0.21 -6.09
N GLN A 62 27.94 -0.53 -6.02
CA GLN A 62 28.17 -1.45 -4.92
C GLN A 62 28.31 -0.70 -3.60
N GLY A 63 27.54 -1.09 -2.59
CA GLY A 63 27.61 -0.44 -1.30
C GLY A 63 26.99 0.95 -1.30
N SER A 64 26.02 1.15 -2.21
CA SER A 64 25.26 2.39 -2.29
C SER A 64 24.65 2.74 -0.94
N ASP A 65 24.43 4.03 -0.68
CA ASP A 65 23.70 4.42 0.51
C ASP A 65 22.32 3.80 0.48
N ALA A 66 21.77 3.56 1.68
CA ALA A 66 20.47 2.91 1.79
C ALA A 66 19.57 3.72 2.70
N ALA A 67 18.45 4.16 2.16
CA ALA A 67 17.41 4.79 2.97
C ALA A 67 16.80 3.80 3.92
N LEU A 68 16.70 2.54 3.47
CA LEU A 68 16.14 1.47 4.27
C LEU A 68 16.82 0.15 3.99
N HIS A 69 17.25 -0.52 5.06
CA HIS A 69 17.73 -1.89 5.03
C HIS A 69 16.84 -2.65 6.00
N PHE A 70 16.05 -3.58 5.47
CA PHE A 70 15.07 -4.34 6.25
C PHE A 70 15.56 -5.78 6.23
N ASN A 71 15.88 -6.35 7.39
CA ASN A 71 16.69 -7.58 7.42
C ASN A 71 16.15 -8.62 8.41
N PRO A 72 15.17 -9.44 7.98
CA PRO A 72 14.73 -10.56 8.82
C PRO A 72 15.82 -11.60 8.95
N ARG A 73 16.22 -11.87 10.20
CA ARG A 73 17.27 -12.83 10.50
C ARG A 73 16.64 -14.05 11.18
N LEU A 74 16.32 -15.06 10.39
CA LEU A 74 15.76 -16.31 10.90
C LEU A 74 16.75 -17.01 11.82
N ASP A 75 18.04 -16.89 11.53
CA ASP A 75 19.01 -17.64 12.31
C ASP A 75 19.22 -17.06 13.71
N THR A 76 18.93 -15.77 13.90
CA THR A 76 19.11 -15.14 15.21
C THR A 76 17.77 -14.71 15.82
N SER A 77 16.69 -14.96 15.09
CA SER A 77 15.34 -14.54 15.49
C SER A 77 15.23 -13.05 15.80
N GLU A 78 15.71 -12.22 14.88
CA GLU A 78 15.58 -10.77 15.00
C GLU A 78 15.20 -10.20 13.65
N VAL A 79 14.54 -9.04 13.63
CA VAL A 79 14.38 -8.30 12.38
C VAL A 79 15.02 -6.93 12.56
N VAL A 80 16.07 -6.67 11.79
CA VAL A 80 16.88 -5.46 11.90
C VAL A 80 16.50 -4.45 10.84
N PHE A 81 16.41 -3.18 11.22
CA PHE A 81 16.19 -2.05 10.32
C PHE A 81 17.40 -1.13 10.42
N ASN A 82 17.93 -0.65 9.31
CA ASN A 82 19.02 0.30 9.39
C ASN A 82 19.08 1.15 8.13
N SER A 83 19.97 2.12 8.14
CA SER A 83 20.23 2.95 6.97
C SER A 83 21.74 2.94 6.77
N LYS A 84 22.19 3.39 5.60
CA LYS A 84 23.60 3.53 5.35
C LYS A 84 23.81 4.84 4.60
N GLU A 85 24.77 5.64 5.06
CA GLU A 85 24.92 6.95 4.48
C GLU A 85 26.39 7.29 4.48
N GLN A 86 26.89 7.81 3.35
CA GLN A 86 28.31 8.11 3.23
C GLN A 86 29.15 6.87 3.58
N GLY A 87 28.62 5.68 3.28
CA GLY A 87 29.36 4.44 3.46
C GLY A 87 29.30 3.87 4.87
N SER A 88 28.66 4.58 5.78
CA SER A 88 28.57 4.14 7.18
C SER A 88 27.16 3.75 7.58
N TRP A 89 27.04 2.59 8.22
CA TRP A 89 25.74 2.17 8.76
C TRP A 89 25.29 3.04 9.93
N GLY A 90 23.98 3.18 10.07
CA GLY A 90 23.43 3.87 11.21
C GLY A 90 23.28 2.94 12.41
N ARG A 91 22.57 3.40 13.42
CA ARG A 91 22.19 2.59 14.55
C ARG A 91 21.01 1.66 14.16
N GLU A 92 21.17 0.36 14.36
CA GLU A 92 20.13 -0.59 14.06
C GLU A 92 18.92 -0.36 14.92
N GLU A 93 17.73 -0.55 14.34
CA GLU A 93 16.52 -0.66 15.14
C GLU A 93 16.03 -2.09 14.98
N ARG A 94 15.34 -2.58 16.01
CA ARG A 94 14.83 -3.95 16.00
C ARG A 94 13.32 -3.96 16.18
N GLY A 95 12.62 -4.72 15.34
CA GLY A 95 11.21 -4.90 15.56
C GLY A 95 10.89 -5.88 16.67
N PRO A 96 9.59 -6.00 17.00
CA PRO A 96 9.12 -6.88 18.06
C PRO A 96 9.01 -8.34 17.62
N GLY A 97 10.09 -9.09 17.77
CA GLY A 97 10.06 -10.51 17.50
C GLY A 97 10.13 -10.75 16.01
N VAL A 98 9.99 -12.01 15.60
CA VAL A 98 10.20 -12.33 14.19
C VAL A 98 8.95 -12.93 13.59
N PRO A 99 8.27 -12.15 12.75
CA PRO A 99 7.01 -12.58 12.12
C PRO A 99 7.23 -13.33 10.82
N PHE A 100 8.30 -14.10 10.75
CA PHE A 100 8.66 -14.92 9.60
C PHE A 100 9.05 -16.29 10.13
N GLN A 101 8.79 -17.33 9.36
CA GLN A 101 9.24 -18.66 9.74
C GLN A 101 9.82 -19.39 8.56
N ARG A 102 10.88 -20.15 8.81
CA ARG A 102 11.38 -21.09 7.79
C ARG A 102 10.24 -22.01 7.33
N GLY A 103 10.10 -22.14 6.01
CA GLY A 103 9.09 -23.03 5.43
C GLY A 103 7.71 -22.40 5.30
N GLN A 104 7.62 -21.08 5.49
CA GLN A 104 6.34 -20.40 5.43
C GLN A 104 6.36 -19.18 4.52
N PRO A 105 5.27 -19.00 3.74
CA PRO A 105 5.17 -17.81 2.90
C PRO A 105 4.76 -16.58 3.72
N PHE A 106 5.03 -15.41 3.15
CA PHE A 106 4.79 -14.14 3.84
C PHE A 106 4.32 -13.09 2.83
N GLU A 107 3.76 -12.03 3.37
CA GLU A 107 3.55 -10.78 2.64
C GLU A 107 4.03 -9.63 3.50
N VAL A 108 4.93 -8.84 2.95
CA VAL A 108 5.40 -7.64 3.64
C VAL A 108 4.91 -6.41 2.88
N LEU A 109 4.37 -5.41 3.58
CA LEU A 109 4.19 -4.10 2.96
C LEU A 109 5.24 -3.17 3.53
N ILE A 110 5.97 -2.47 2.67
CA ILE A 110 6.82 -1.39 3.13
C ILE A 110 6.16 -0.13 2.60
N ILE A 111 5.64 0.71 3.49
CA ILE A 111 4.82 1.85 3.08
C ILE A 111 5.56 3.15 3.40
N ALA A 112 5.87 3.92 2.36
CA ALA A 112 6.55 5.20 2.54
C ALA A 112 5.53 6.30 2.87
N SER A 113 5.77 7.02 3.96
CA SER A 113 4.97 8.20 4.30
C SER A 113 5.85 9.42 4.45
N ASP A 114 5.24 10.54 4.85
CA ASP A 114 5.97 11.77 5.15
C ASP A 114 7.06 11.56 6.22
N ASP A 115 6.78 10.74 7.22
CA ASP A 115 7.66 10.69 8.38
C ASP A 115 8.53 9.45 8.44
N GLY A 116 8.24 8.42 7.64
CA GLY A 116 9.12 7.26 7.60
C GLY A 116 8.56 6.10 6.78
N PHE A 117 9.04 4.90 7.06
CA PHE A 117 8.55 3.67 6.41
C PHE A 117 7.77 2.82 7.41
N LYS A 118 6.57 2.40 7.03
CA LYS A 118 5.79 1.48 7.88
C LYS A 118 5.96 0.07 7.34
N ALA A 119 6.40 -0.84 8.19
CA ALA A 119 6.50 -2.25 7.83
C ALA A 119 5.30 -2.97 8.36
N VAL A 120 4.59 -3.62 7.43
CA VAL A 120 3.40 -4.41 7.74
C VAL A 120 3.76 -5.84 7.39
N VAL A 121 3.54 -6.75 8.31
CA VAL A 121 3.86 -8.15 8.05
C VAL A 121 2.69 -8.99 8.47
N GLY A 122 2.26 -9.87 7.56
CA GLY A 122 1.08 -10.69 7.80
C GLY A 122 -0.12 -9.90 8.31
N ASP A 123 -0.44 -8.80 7.62
CA ASP A 123 -1.60 -7.99 7.92
C ASP A 123 -1.60 -7.25 9.26
N ALA A 124 -0.44 -7.18 9.92
CA ALA A 124 -0.35 -6.42 11.15
C ALA A 124 0.77 -5.39 11.07
N GLN A 125 0.52 -4.21 11.61
CA GLN A 125 1.57 -3.20 11.69
C GLN A 125 2.69 -3.78 12.54
N TYR A 126 3.93 -3.71 12.06
CA TYR A 126 5.02 -4.39 12.75
C TYR A 126 6.07 -3.40 13.27
N HIS A 127 6.52 -2.47 12.44
CA HIS A 127 7.51 -1.49 12.86
C HIS A 127 7.38 -0.22 12.03
N HIS A 128 7.72 0.91 12.63
CA HIS A 128 7.76 2.18 11.92
C HIS A 128 9.18 2.73 11.98
N PHE A 129 9.80 2.91 10.82
CA PHE A 129 11.19 3.36 10.71
C PHE A 129 11.23 4.81 10.23
N ARG A 130 11.55 5.74 11.14
CA ARG A 130 11.60 7.15 10.78
C ARG A 130 12.64 7.38 9.70
N HIS A 131 12.36 8.29 8.76
CA HIS A 131 13.31 8.61 7.70
C HIS A 131 14.61 9.09 8.30
N ARG A 132 15.71 8.59 7.78
CA ARG A 132 17.03 9.12 8.06
C ARG A 132 17.63 9.83 6.85
N LEU A 133 17.41 9.29 5.66
CA LEU A 133 17.78 9.93 4.40
C LEU A 133 16.55 10.51 3.72
N PRO A 134 16.73 11.59 2.95
CA PRO A 134 15.59 12.11 2.18
C PRO A 134 15.02 11.03 1.26
N LEU A 135 13.71 10.87 1.28
CA LEU A 135 13.02 9.91 0.43
C LEU A 135 13.36 10.11 -1.05
N ALA A 136 13.61 11.35 -1.45
CA ALA A 136 13.89 11.68 -2.86
C ALA A 136 15.16 11.03 -3.40
N ARG A 137 16.02 10.55 -2.51
CA ARG A 137 17.28 9.93 -2.91
C ARG A 137 17.10 8.48 -3.35
N VAL A 138 15.99 7.84 -2.99
CA VAL A 138 15.84 6.42 -3.30
C VAL A 138 15.72 6.22 -4.80
N ARG A 139 16.47 5.26 -5.33
CA ARG A 139 16.51 5.04 -6.77
C ARG A 139 16.33 3.59 -7.18
N LEU A 140 16.35 2.70 -6.21
CA LEU A 140 16.44 1.27 -6.48
C LEU A 140 15.89 0.45 -5.31
N VAL A 141 15.14 -0.61 -5.63
CA VAL A 141 14.71 -1.59 -4.62
C VAL A 141 15.42 -2.89 -4.91
N GLU A 142 16.04 -3.49 -3.90
CA GLU A 142 16.69 -4.77 -4.08
C GLU A 142 16.23 -5.73 -2.99
N VAL A 143 15.91 -6.95 -3.39
CA VAL A 143 15.53 -7.98 -2.41
C VAL A 143 16.42 -9.18 -2.68
N GLY A 144 17.05 -9.70 -1.64
CA GLY A 144 17.92 -10.84 -1.85
C GLY A 144 18.13 -11.62 -0.59
N GLY A 145 19.09 -12.53 -0.62
CA GLY A 145 19.36 -13.38 0.53
C GLY A 145 18.52 -14.63 0.42
N ASP A 146 18.26 -15.26 1.57
CA ASP A 146 17.57 -16.55 1.61
C ASP A 146 16.07 -16.39 1.56
N VAL A 147 15.54 -16.16 0.36
CA VAL A 147 14.12 -15.99 0.16
C VAL A 147 13.82 -16.39 -1.28
N GLN A 148 12.65 -16.96 -1.46
CA GLN A 148 12.20 -17.30 -2.82
C GLN A 148 11.01 -16.44 -3.14
N LEU A 149 11.24 -15.42 -3.96
CA LEU A 149 10.26 -14.35 -4.13
C LEU A 149 9.14 -14.82 -5.02
N ASP A 150 7.92 -14.54 -4.59
CA ASP A 150 6.73 -14.73 -5.42
C ASP A 150 6.60 -13.48 -6.32
N SER A 151 6.44 -12.33 -5.68
CA SER A 151 6.37 -11.07 -6.43
C SER A 151 6.84 -9.87 -5.62
N VAL A 152 7.31 -8.85 -6.34
CA VAL A 152 7.62 -7.55 -5.76
C VAL A 152 6.90 -6.53 -6.62
N ARG A 153 5.96 -5.80 -6.02
CA ARG A 153 5.19 -4.80 -6.77
C ARG A 153 5.36 -3.45 -6.08
N ILE A 154 5.47 -2.37 -6.85
CA ILE A 154 5.57 -1.05 -6.25
C ILE A 154 4.41 -0.19 -6.71
N PHE A 155 3.61 0.31 -5.78
CA PHE A 155 2.46 1.17 -6.12
C PHE A 155 2.62 2.58 -5.58
N VAL B 23 -27.24 -1.95 3.97
CA VAL B 23 -26.65 -0.81 4.67
C VAL B 23 -25.18 -0.68 4.32
N PRO B 24 -24.73 0.55 4.02
CA PRO B 24 -23.32 0.77 3.69
C PRO B 24 -22.40 0.58 4.91
N HIS B 25 -21.25 -0.04 4.68
CA HIS B 25 -20.28 -0.19 5.73
C HIS B 25 -19.61 1.14 6.00
N LYS B 26 -19.39 1.45 7.27
CA LYS B 26 -18.68 2.66 7.62
C LYS B 26 -17.56 2.39 8.61
N SER B 27 -16.41 2.99 8.33
CA SER B 27 -15.21 2.91 9.17
C SER B 27 -14.65 4.31 9.38
N SER B 28 -14.43 4.69 10.64
CA SER B 28 -13.76 5.96 10.93
C SER B 28 -12.27 5.85 10.69
N LEU B 29 -11.65 6.98 10.38
CA LEU B 29 -10.21 7.08 10.26
C LEU B 29 -9.67 7.79 11.50
N PRO B 30 -9.16 7.02 12.47
CA PRO B 30 -8.84 7.52 13.81
C PRO B 30 -7.60 8.41 13.84
N GLU B 31 -6.83 8.38 12.77
CA GLU B 31 -5.64 9.20 12.67
C GLU B 31 -5.76 10.12 11.46
N GLY B 32 -6.98 10.22 10.93
CA GLY B 32 -7.23 10.89 9.67
C GLY B 32 -6.47 10.18 8.57
N ILE B 33 -6.36 10.79 7.40
CA ILE B 33 -5.51 10.22 6.38
C ILE B 33 -4.46 11.25 5.95
N ARG B 34 -3.29 10.73 5.64
CA ARG B 34 -2.13 11.54 5.28
C ARG B 34 -1.44 10.80 4.14
N PRO B 35 -0.50 11.45 3.46
CA PRO B 35 0.24 10.67 2.46
C PRO B 35 0.95 9.50 3.15
N GLY B 36 0.66 8.28 2.68
CA GLY B 36 1.16 7.09 3.31
C GLY B 36 0.04 6.23 3.88
N THR B 37 -1.15 6.83 4.00
CA THR B 37 -2.31 6.07 4.45
C THR B 37 -2.74 5.10 3.36
N VAL B 38 -2.94 3.85 3.74
CA VAL B 38 -3.36 2.81 2.79
C VAL B 38 -4.66 2.17 3.27
N LEU B 39 -5.65 2.15 2.38
CA LEU B 39 -6.89 1.46 2.66
C LEU B 39 -6.93 0.21 1.83
N ARG B 40 -7.08 -0.93 2.49
CA ARG B 40 -7.23 -2.18 1.76
C ARG B 40 -8.64 -2.73 1.93
N ILE B 41 -9.32 -2.90 0.82
CA ILE B 41 -10.68 -3.40 0.80
C ILE B 41 -10.73 -4.72 0.07
N ARG B 42 -11.05 -5.77 0.81
CA ARG B 42 -11.23 -7.10 0.25
C ARG B 42 -12.71 -7.43 0.24
N GLY B 43 -13.20 -7.93 -0.88
CA GLY B 43 -14.60 -8.28 -0.96
C GLY B 43 -14.92 -9.20 -2.11
N LEU B 44 -16.22 -9.37 -2.36
CA LEU B 44 -16.70 -10.17 -3.46
C LEU B 44 -17.84 -9.46 -4.17
N VAL B 45 -17.80 -9.48 -5.49
CA VAL B 45 -18.89 -8.91 -6.28
C VAL B 45 -19.93 -9.99 -6.55
N PRO B 46 -21.14 -9.84 -5.97
CA PRO B 46 -22.28 -10.76 -6.07
C PRO B 46 -22.57 -11.21 -7.50
N PRO B 47 -23.10 -12.44 -7.66
CA PRO B 47 -23.44 -13.11 -8.92
C PRO B 47 -23.98 -12.18 -10.01
N ASN B 48 -24.86 -11.24 -9.65
CA ASN B 48 -25.02 -10.06 -10.48
C ASN B 48 -25.28 -8.86 -9.59
N ALA B 49 -24.21 -8.12 -9.36
CA ALA B 49 -24.23 -6.78 -8.82
C ALA B 49 -24.40 -5.79 -9.97
N SER B 50 -25.08 -4.67 -9.74
CA SER B 50 -25.14 -3.63 -10.75
C SER B 50 -23.91 -2.74 -10.59
N ARG B 51 -23.67 -2.30 -9.36
CA ARG B 51 -22.57 -1.42 -9.06
C ARG B 51 -22.34 -1.36 -7.55
N PHE B 52 -21.17 -0.89 -7.16
CA PHE B 52 -20.88 -0.63 -5.75
C PHE B 52 -19.88 0.50 -5.67
N HIS B 53 -19.64 1.01 -4.47
CA HIS B 53 -18.80 2.18 -4.35
C HIS B 53 -18.01 2.21 -3.06
N VAL B 54 -16.87 2.88 -3.14
CA VAL B 54 -16.06 3.21 -1.97
C VAL B 54 -15.95 4.72 -1.88
N ASN B 55 -16.43 5.30 -0.77
CA ASN B 55 -16.34 6.75 -0.55
C ASN B 55 -15.38 7.12 0.55
N LEU B 56 -14.60 8.17 0.32
CA LEU B 56 -13.86 8.81 1.40
C LEU B 56 -14.57 10.10 1.77
N LEU B 57 -15.19 10.12 2.95
CA LEU B 57 -16.10 11.19 3.35
C LEU B 57 -15.49 12.12 4.38
N CYS B 58 -15.98 13.36 4.40
CA CYS B 58 -15.44 14.41 5.26
C CYS B 58 -16.27 14.62 6.53
N GLY B 59 -17.27 13.78 6.73
CA GLY B 59 -18.13 13.89 7.90
C GLY B 59 -19.18 12.80 7.96
N GLU B 60 -19.86 12.67 9.10
CA GLU B 60 -20.79 11.58 9.30
C GLU B 60 -22.23 11.94 8.95
N GLU B 61 -22.48 13.22 8.72
CA GLU B 61 -23.83 13.66 8.40
C GLU B 61 -24.20 13.26 6.97
N GLN B 62 -25.50 13.07 6.73
CA GLN B 62 -26.00 12.74 5.41
C GLN B 62 -25.63 13.84 4.42
N GLY B 63 -25.06 13.45 3.29
CA GLY B 63 -24.71 14.41 2.25
C GLY B 63 -23.38 15.11 2.47
N SER B 64 -22.59 14.59 3.41
CA SER B 64 -21.27 15.13 3.67
C SER B 64 -20.42 15.10 2.39
N ASP B 65 -19.46 16.02 2.28
CA ASP B 65 -18.57 16.04 1.13
C ASP B 65 -17.82 14.73 0.96
N ALA B 66 -17.53 14.37 -0.28
CA ALA B 66 -16.73 13.19 -0.57
C ALA B 66 -15.41 13.58 -1.24
N ALA B 67 -14.28 13.30 -0.60
CA ALA B 67 -12.99 13.63 -1.19
C ALA B 67 -12.71 12.68 -2.33
N LEU B 68 -13.20 11.45 -2.18
CA LEU B 68 -13.07 10.43 -3.21
C LEU B 68 -14.33 9.57 -3.25
N HIS B 69 -14.85 9.40 -4.45
CA HIS B 69 -15.95 8.50 -4.76
C HIS B 69 -15.42 7.59 -5.87
N PHE B 70 -15.29 6.31 -5.56
CA PHE B 70 -14.76 5.29 -6.46
C PHE B 70 -15.89 4.31 -6.77
N ASN B 71 -16.32 4.23 -8.03
CA ASN B 71 -17.61 3.59 -8.32
C ASN B 71 -17.60 2.66 -9.53
N PRO B 72 -17.16 1.41 -9.32
CA PRO B 72 -17.25 0.38 -10.37
C PRO B 72 -18.71 0.08 -10.74
N ARG B 73 -19.01 0.11 -12.03
CA ARG B 73 -20.37 -0.17 -12.49
C ARG B 73 -20.36 -1.33 -13.46
N LEU B 74 -20.81 -2.48 -12.99
CA LEU B 74 -20.80 -3.70 -13.79
C LEU B 74 -21.78 -3.60 -14.93
N ASP B 75 -22.95 -3.00 -14.68
CA ASP B 75 -24.03 -2.99 -15.66
C ASP B 75 -23.81 -1.98 -16.78
N THR B 76 -22.86 -1.04 -16.59
CA THR B 76 -22.50 -0.13 -17.67
C THR B 76 -21.04 -0.30 -18.05
N SER B 77 -20.39 -1.25 -17.39
CA SER B 77 -19.00 -1.58 -17.65
C SER B 77 -18.11 -0.34 -17.63
N GLU B 78 -18.20 0.42 -16.54
CA GLU B 78 -17.34 1.59 -16.36
C GLU B 78 -16.85 1.62 -14.93
N VAL B 79 -15.89 2.49 -14.65
CA VAL B 79 -15.50 2.82 -13.29
C VAL B 79 -15.39 4.33 -13.13
N VAL B 80 -16.37 4.93 -12.44
CA VAL B 80 -16.39 6.37 -12.29
C VAL B 80 -15.66 6.82 -11.03
N PHE B 81 -14.79 7.82 -11.18
CA PHE B 81 -14.20 8.52 -10.04
C PHE B 81 -14.78 9.92 -9.97
N ASN B 82 -15.11 10.37 -8.77
CA ASN B 82 -15.54 11.76 -8.62
C ASN B 82 -15.36 12.23 -7.19
N SER B 83 -15.62 13.51 -6.99
CA SER B 83 -15.69 14.07 -5.65
C SER B 83 -17.02 14.79 -5.53
N LYS B 84 -17.37 15.16 -4.32
CA LYS B 84 -18.59 15.90 -4.10
C LYS B 84 -18.41 16.94 -3.02
N GLU B 85 -18.81 18.16 -3.35
CA GLU B 85 -18.89 19.26 -2.40
C GLU B 85 -20.20 19.98 -2.46
N GLN B 86 -20.70 20.40 -1.30
CA GLN B 86 -21.96 21.14 -1.23
C GLN B 86 -23.07 20.41 -1.96
N GLY B 87 -23.09 19.09 -1.82
CA GLY B 87 -24.11 18.25 -2.44
C GLY B 87 -24.03 18.18 -3.96
N SER B 88 -22.96 18.74 -4.53
CA SER B 88 -22.78 18.73 -5.98
C SER B 88 -21.58 17.90 -6.40
N TRP B 89 -21.82 16.94 -7.30
CA TRP B 89 -20.73 16.14 -7.86
C TRP B 89 -19.80 17.03 -8.67
N GLY B 90 -18.60 16.52 -8.95
CA GLY B 90 -17.64 17.26 -9.75
C GLY B 90 -17.50 16.63 -11.12
N ARG B 91 -16.39 16.93 -11.78
CA ARG B 91 -16.08 16.33 -13.08
C ARG B 91 -15.79 14.85 -12.87
N GLU B 92 -16.48 14.00 -13.61
CA GLU B 92 -16.19 12.56 -13.53
C GLU B 92 -14.89 12.22 -14.24
N GLU B 93 -14.07 11.37 -13.61
CA GLU B 93 -12.96 10.71 -14.28
C GLU B 93 -13.33 9.23 -14.42
N ARG B 94 -12.96 8.62 -15.54
CA ARG B 94 -13.24 7.20 -15.75
C ARG B 94 -11.97 6.39 -15.94
N GLY B 95 -12.01 5.13 -15.51
CA GLY B 95 -10.85 4.26 -15.62
C GLY B 95 -10.87 3.40 -16.87
N PRO B 96 -9.72 2.80 -17.21
CA PRO B 96 -9.59 1.90 -18.36
C PRO B 96 -10.17 0.50 -18.09
N GLY B 97 -11.37 0.25 -18.59
CA GLY B 97 -11.99 -1.05 -18.45
C GLY B 97 -12.60 -1.30 -17.08
N VAL B 98 -12.99 -2.56 -16.84
CA VAL B 98 -13.60 -2.94 -15.57
C VAL B 98 -12.86 -4.10 -14.92
N PRO B 99 -11.98 -3.79 -13.96
CA PRO B 99 -11.19 -4.81 -13.25
C PRO B 99 -11.99 -5.51 -12.15
N PHE B 100 -13.30 -5.64 -12.37
CA PHE B 100 -14.17 -6.35 -11.46
C PHE B 100 -15.14 -7.23 -12.26
N GLN B 101 -15.42 -8.43 -11.77
CA GLN B 101 -16.41 -9.31 -12.40
C GLN B 101 -17.29 -9.95 -11.35
N ARG B 102 -18.54 -10.23 -11.74
CA ARG B 102 -19.52 -10.81 -10.84
C ARG B 102 -19.13 -12.23 -10.46
N GLY B 103 -19.10 -12.51 -9.16
CA GLY B 103 -18.75 -13.82 -8.66
C GLY B 103 -17.27 -14.03 -8.45
N GLN B 104 -16.49 -12.98 -8.62
CA GLN B 104 -15.05 -13.05 -8.39
C GLN B 104 -14.62 -12.10 -7.27
N PRO B 105 -13.77 -12.58 -6.36
CA PRO B 105 -13.26 -11.76 -5.25
C PRO B 105 -12.21 -10.75 -5.69
N PHE B 106 -12.13 -9.64 -4.97
CA PHE B 106 -11.20 -8.59 -5.32
C PHE B 106 -10.41 -8.13 -4.11
N GLU B 107 -9.31 -7.43 -4.36
CA GLU B 107 -8.62 -6.69 -3.33
C GLU B 107 -8.23 -5.34 -3.88
N VAL B 108 -8.83 -4.30 -3.32
CA VAL B 108 -8.57 -2.94 -3.73
C VAL B 108 -7.68 -2.24 -2.72
N LEU B 109 -6.65 -1.55 -3.21
CA LEU B 109 -5.91 -0.61 -2.40
C LEU B 109 -6.28 0.81 -2.81
N ILE B 110 -6.61 1.64 -1.82
CA ILE B 110 -6.68 3.07 -2.05
C ILE B 110 -5.55 3.70 -1.27
N ILE B 111 -4.61 4.26 -2.00
CA ILE B 111 -3.36 4.79 -1.42
C ILE B 111 -3.33 6.30 -1.49
N ALA B 112 -3.26 6.97 -0.35
CA ALA B 112 -3.14 8.43 -0.37
C ALA B 112 -1.69 8.85 -0.57
N SER B 113 -1.45 9.65 -1.61
CA SER B 113 -0.15 10.29 -1.80
C SER B 113 -0.28 11.80 -1.61
N ASP B 114 0.80 12.53 -1.84
CA ASP B 114 0.75 13.96 -1.62
C ASP B 114 -0.08 14.65 -2.70
N ASP B 115 -0.13 14.07 -3.90
CA ASP B 115 -0.84 14.75 -4.99
C ASP B 115 -2.12 14.05 -5.45
N GLY B 116 -2.42 12.89 -4.88
CA GLY B 116 -3.70 12.24 -5.16
C GLY B 116 -3.90 10.90 -4.48
N PHE B 117 -4.93 10.18 -4.93
CA PHE B 117 -5.21 8.82 -4.49
C PHE B 117 -4.86 7.82 -5.57
N LYS B 118 -4.05 6.82 -5.23
CA LYS B 118 -3.78 5.75 -6.17
C LYS B 118 -4.71 4.57 -5.91
N ALA B 119 -5.48 4.20 -6.93
CA ALA B 119 -6.41 3.09 -6.84
C ALA B 119 -5.76 1.87 -7.48
N VAL B 120 -5.57 0.83 -6.67
CA VAL B 120 -4.93 -0.41 -7.08
C VAL B 120 -5.95 -1.51 -7.04
N VAL B 121 -6.09 -2.23 -8.13
CA VAL B 121 -6.90 -3.44 -8.10
C VAL B 121 -6.01 -4.64 -8.46
N GLY B 122 -5.99 -5.63 -7.58
CA GLY B 122 -5.17 -6.81 -7.78
C GLY B 122 -3.69 -6.54 -7.66
N ASP B 123 -2.99 -6.57 -8.79
CA ASP B 123 -1.55 -6.36 -8.77
C ASP B 123 -1.18 -5.18 -9.64
N ALA B 124 -2.18 -4.38 -10.01
CA ALA B 124 -1.95 -3.28 -10.93
C ALA B 124 -2.55 -1.96 -10.46
N GLN B 125 -1.76 -0.90 -10.64
CA GLN B 125 -2.24 0.47 -10.53
C GLN B 125 -3.37 0.69 -11.53
N TYR B 126 -4.53 1.12 -11.06
CA TYR B 126 -5.69 1.24 -11.96
C TYR B 126 -5.95 2.68 -12.39
N HIS B 127 -5.89 3.60 -11.44
CA HIS B 127 -6.14 5.00 -11.74
C HIS B 127 -5.49 5.86 -10.66
N HIS B 128 -5.10 7.08 -11.04
CA HIS B 128 -4.60 8.06 -10.10
C HIS B 128 -5.54 9.28 -10.08
N PHE B 129 -6.08 9.61 -8.92
CA PHE B 129 -7.11 10.63 -8.79
C PHE B 129 -6.54 11.80 -7.99
N ARG B 130 -6.27 12.92 -8.68
CA ARG B 130 -5.63 14.05 -8.02
C ARG B 130 -6.57 14.63 -6.97
N HIS B 131 -5.98 15.12 -5.88
CA HIS B 131 -6.76 15.67 -4.78
C HIS B 131 -7.57 16.86 -5.24
N ARG B 132 -8.82 16.91 -4.81
CA ARG B 132 -9.66 18.07 -5.03
C ARG B 132 -9.98 18.70 -3.70
N LEU B 133 -10.17 17.86 -2.70
CA LEU B 133 -10.39 18.35 -1.35
C LEU B 133 -9.14 18.09 -0.49
N PRO B 134 -8.93 18.91 0.54
CA PRO B 134 -7.86 18.70 1.51
C PRO B 134 -7.92 17.30 2.09
N LEU B 135 -6.82 16.57 2.00
CA LEU B 135 -6.70 15.24 2.62
C LEU B 135 -7.15 15.26 4.07
N ALA B 136 -6.84 16.36 4.75
CA ALA B 136 -7.08 16.47 6.18
C ALA B 136 -8.57 16.44 6.55
N ARG B 137 -9.42 16.81 5.60
CA ARG B 137 -10.85 16.85 5.88
C ARG B 137 -11.47 15.44 5.94
N VAL B 138 -10.78 14.46 5.38
CA VAL B 138 -11.32 13.10 5.29
C VAL B 138 -11.34 12.42 6.65
N ARG B 139 -12.49 11.86 7.01
CA ARG B 139 -12.62 11.27 8.34
C ARG B 139 -13.30 9.91 8.32
N LEU B 140 -13.89 9.55 7.19
CA LEU B 140 -14.72 8.35 7.12
C LEU B 140 -14.56 7.58 5.81
N VAL B 141 -14.54 6.25 5.90
CA VAL B 141 -14.58 5.41 4.71
C VAL B 141 -15.94 4.74 4.66
N GLU B 142 -16.60 4.79 3.50
CA GLU B 142 -17.90 4.16 3.34
C GLU B 142 -17.87 3.23 2.14
N VAL B 143 -18.37 2.02 2.33
CA VAL B 143 -18.47 1.06 1.24
C VAL B 143 -19.92 0.62 1.09
N GLY B 144 -20.52 0.89 -0.06
CA GLY B 144 -21.94 0.60 -0.26
C GLY B 144 -22.22 0.02 -1.62
N GLY B 145 -23.51 -0.16 -1.92
CA GLY B 145 -23.90 -0.68 -3.21
C GLY B 145 -23.93 -2.20 -3.19
N ASP B 146 -23.77 -2.80 -4.37
CA ASP B 146 -23.89 -4.25 -4.48
C ASP B 146 -22.51 -4.89 -4.38
N VAL B 147 -22.10 -5.21 -3.16
CA VAL B 147 -20.80 -5.82 -2.92
C VAL B 147 -20.86 -6.60 -1.62
N GLN B 148 -20.16 -7.73 -1.56
CA GLN B 148 -20.02 -8.47 -0.32
C GLN B 148 -18.70 -8.10 0.31
N LEU B 149 -18.75 -7.38 1.42
CA LEU B 149 -17.54 -6.86 2.06
C LEU B 149 -16.88 -7.88 2.97
N ASP B 150 -15.64 -8.24 2.65
CA ASP B 150 -14.88 -9.19 3.44
C ASP B 150 -14.15 -8.47 4.58
N SER B 151 -13.49 -7.36 4.25
CA SER B 151 -12.79 -6.55 5.24
C SER B 151 -12.32 -5.20 4.70
N VAL B 152 -12.31 -4.21 5.57
CA VAL B 152 -11.68 -2.92 5.31
C VAL B 152 -10.57 -2.75 6.35
N ARG B 153 -9.35 -2.57 5.87
CA ARG B 153 -8.20 -2.40 6.75
C ARG B 153 -7.47 -1.13 6.40
N ILE B 154 -7.07 -0.39 7.42
CA ILE B 154 -6.33 0.84 7.22
C ILE B 154 -4.90 0.63 7.72
N PHE B 155 -3.93 0.85 6.83
CA PHE B 155 -2.52 0.73 7.18
C PHE B 155 -1.83 2.09 7.16
#